data_3FRQ
#
_entry.id   3FRQ
#
_cell.length_a   44.294
_cell.length_b   61.201
_cell.length_c   134.642
_cell.angle_alpha   90.00
_cell.angle_beta   90.00
_cell.angle_gamma   90.00
#
_symmetry.space_group_name_H-M   'P 21 21 21'
#
loop_
_entity.id
_entity.type
_entity.pdbx_description
1 polymer 'Repressor protein MphR(A)'
2 non-polymer 'ERYTHROMYCIN A'
3 non-polymer GLYCEROL
4 non-polymer 'CHLORIDE ION'
5 water water
#
_entity_poly.entity_id   1
_entity_poly.type   'polypeptide(L)'
_entity_poly.pdbx_seq_one_letter_code
;GMPRPKLKSDDEVLEAATVVLKRCGPIEFTLSGVAKEVGLSRAALIQRFTNRDTLLVRMMERGVEQVRHYLNAIPIGAGP
QGLWEFLQVLVRSMNTRNDFSVNYLISWYELQVPELRTLAIQRNRAVVEGIRKRLPPGAPAAAELLLHSVIAGATMQWAV
DPDGELADHVLAQIAAILCLMFPEHDDFQLLQAHA
;
_entity_poly.pdbx_strand_id   A,B
#
# COMPACT_ATOMS: atom_id res chain seq x y z
N LYS A 6 39.81 -12.87 -6.53
CA LYS A 6 38.76 -13.88 -6.90
C LYS A 6 37.45 -13.15 -7.16
N LEU A 7 36.59 -13.77 -7.95
CA LEU A 7 35.29 -13.20 -8.30
C LEU A 7 34.30 -13.26 -7.14
N LYS A 8 33.54 -12.19 -6.92
CA LYS A 8 32.38 -12.27 -6.04
C LYS A 8 31.23 -12.92 -6.77
N SER A 9 30.44 -13.73 -6.07
CA SER A 9 29.37 -14.50 -6.72
C SER A 9 28.30 -13.56 -7.26
N ASP A 10 27.52 -14.04 -8.22
CA ASP A 10 26.41 -13.24 -8.73
C ASP A 10 25.45 -12.92 -7.58
N ASP A 11 25.26 -13.90 -6.70
CA ASP A 11 24.32 -13.67 -5.59
C ASP A 11 24.82 -12.58 -4.63
N GLU A 12 26.11 -12.57 -4.36
CA GLU A 12 26.76 -11.52 -3.52
C GLU A 12 26.59 -10.14 -4.17
N VAL A 13 26.92 -10.03 -5.45
CA VAL A 13 26.68 -8.79 -6.16
C VAL A 13 25.20 -8.31 -6.13
N LEU A 14 24.27 -9.21 -6.46
CA LEU A 14 22.84 -8.85 -6.43
C LEU A 14 22.38 -8.48 -5.01
N GLU A 15 22.95 -9.15 -4.02
CA GLU A 15 22.64 -8.82 -2.61
C GLU A 15 23.05 -7.40 -2.35
N ALA A 16 24.29 -7.05 -2.71
CA ALA A 16 24.83 -5.73 -2.46
C ALA A 16 23.99 -4.67 -3.18
N ALA A 17 23.63 -4.96 -4.44
CA ALA A 17 22.77 -4.10 -5.21
C ALA A 17 21.41 -3.87 -4.54
N THR A 18 20.85 -4.92 -3.95
CA THR A 18 19.52 -4.84 -3.28
C THR A 18 19.63 -3.96 -2.04
N VAL A 19 20.78 -4.03 -1.35
CA VAL A 19 20.99 -3.16 -0.18
C VAL A 19 20.97 -1.70 -0.64
N VAL A 20 21.65 -1.41 -1.75
CA VAL A 20 21.71 -0.09 -2.35
C VAL A 20 20.31 0.40 -2.75
N LEU A 21 19.56 -0.49 -3.40
CA LEU A 21 18.17 -0.16 -3.81
C LEU A 21 17.31 0.20 -2.59
N LYS A 22 17.44 -0.56 -1.51
CA LYS A 22 16.69 -0.27 -0.28
C LYS A 22 17.11 1.05 0.37
N ARG A 23 18.37 1.43 0.20
CA ARG A 23 18.91 2.68 0.75
CA ARG A 23 19.02 2.66 0.79
C ARG A 23 18.51 3.92 -0.04
N CYS A 24 18.69 3.89 -1.38
CA CYS A 24 18.54 5.04 -2.28
CA CYS A 24 18.48 5.10 -2.18
C CYS A 24 17.19 5.09 -3.02
N GLY A 25 16.50 3.96 -3.05
CA GLY A 25 15.28 3.78 -3.87
C GLY A 25 15.59 3.57 -5.36
N PRO A 26 14.59 3.18 -6.16
CA PRO A 26 14.81 2.82 -7.59
C PRO A 26 15.13 3.98 -8.51
N ILE A 27 14.75 5.19 -8.14
CA ILE A 27 15.04 6.35 -9.02
C ILE A 27 16.53 6.67 -8.88
N GLU A 28 17.05 6.69 -7.66
CA GLU A 28 18.47 7.09 -7.42
C GLU A 28 19.50 5.95 -7.48
N PHE A 29 19.01 4.75 -7.72
CA PHE A 29 19.83 3.55 -7.87
C PHE A 29 20.77 3.70 -9.07
N THR A 30 22.08 3.46 -8.89
CA THR A 30 23.02 3.55 -9.99
C THR A 30 24.01 2.39 -9.89
N LEU A 31 24.59 2.02 -11.02
CA LEU A 31 25.78 1.13 -11.02
C LEU A 31 26.92 1.59 -10.11
N SER A 32 27.16 2.90 -10.05
CA SER A 32 28.24 3.46 -9.24
C SER A 32 28.05 3.16 -7.76
N GLY A 33 26.79 3.16 -7.32
CA GLY A 33 26.46 2.93 -5.92
C GLY A 33 26.71 1.48 -5.55
N VAL A 34 26.27 0.57 -6.43
CA VAL A 34 26.45 -0.86 -6.22
C VAL A 34 27.95 -1.22 -6.15
N ALA A 35 28.71 -0.64 -7.08
CA ALA A 35 30.18 -0.79 -7.16
C ALA A 35 30.86 -0.38 -5.86
N LYS A 36 30.52 0.82 -5.36
CA LYS A 36 30.99 1.33 -4.06
C LYS A 36 30.63 0.37 -2.91
N GLU A 37 29.39 -0.17 -2.94
CA GLU A 37 28.94 -1.13 -1.91
C GLU A 37 29.68 -2.46 -1.89
N VAL A 38 30.02 -3.01 -3.06
CA VAL A 38 30.50 -4.39 -3.15
C VAL A 38 32.04 -4.47 -3.34
N GLY A 39 32.67 -3.29 -3.43
CA GLY A 39 34.12 -3.19 -3.62
C GLY A 39 34.59 -3.56 -5.03
N LEU A 40 33.69 -3.49 -6.02
CA LEU A 40 34.06 -3.81 -7.41
C LEU A 40 34.01 -2.55 -8.24
N SER A 41 34.66 -2.58 -9.40
CA SER A 41 34.65 -1.42 -10.29
C SER A 41 33.33 -1.37 -11.04
N ARG A 42 32.93 -0.14 -11.40
CA ARG A 42 31.80 0.09 -12.28
C ARG A 42 31.94 -0.71 -13.58
N ALA A 43 33.18 -0.77 -14.09
CA ALA A 43 33.49 -1.50 -15.33
C ALA A 43 33.14 -2.99 -15.24
N ALA A 44 33.52 -3.61 -14.13
CA ALA A 44 33.21 -5.02 -13.84
C ALA A 44 31.70 -5.28 -13.78
N LEU A 45 30.96 -4.39 -13.10
CA LEU A 45 29.50 -4.49 -13.08
C LEU A 45 28.88 -4.40 -14.47
N ILE A 46 29.40 -3.52 -15.32
CA ILE A 46 28.88 -3.44 -16.70
C ILE A 46 29.10 -4.75 -17.46
N GLN A 47 30.28 -5.34 -17.28
CA GLN A 47 30.65 -6.58 -17.95
C GLN A 47 29.64 -7.68 -17.64
N ARG A 48 29.30 -7.80 -16.36
CA ARG A 48 28.49 -8.89 -15.86
C ARG A 48 26.98 -8.62 -16.01
N PHE A 49 26.57 -7.38 -15.82
CA PHE A 49 25.13 -7.08 -15.73
C PHE A 49 24.61 -6.06 -16.76
N THR A 50 25.49 -5.70 -17.69
CA THR A 50 25.17 -4.92 -18.90
C THR A 50 24.85 -3.46 -18.59
N ASN A 51 23.69 -3.23 -17.98
CA ASN A 51 23.30 -1.90 -17.59
C ASN A 51 22.47 -1.91 -16.30
N ARG A 52 22.16 -0.72 -15.83
CA ARG A 52 21.37 -0.51 -14.64
C ARG A 52 19.98 -1.17 -14.70
N ASP A 53 19.28 -1.09 -15.84
CA ASP A 53 17.97 -1.71 -15.98
C ASP A 53 18.00 -3.23 -15.93
N THR A 54 19.00 -3.79 -16.60
CA THR A 54 19.20 -5.23 -16.60
C THR A 54 19.54 -5.71 -15.20
N LEU A 55 20.34 -4.93 -14.48
CA LEU A 55 20.71 -5.26 -13.09
C LEU A 55 19.44 -5.27 -12.21
N LEU A 56 18.60 -4.27 -12.37
CA LEU A 56 17.35 -4.26 -11.60
C LEU A 56 16.45 -5.46 -11.89
N VAL A 57 16.32 -5.84 -13.17
CA VAL A 57 15.57 -7.07 -13.52
C VAL A 57 16.17 -8.29 -12.84
N ARG A 58 17.50 -8.44 -12.89
CA ARG A 58 18.14 -9.61 -12.25
C ARG A 58 17.90 -9.60 -10.72
N MET A 59 17.97 -8.42 -10.14
CA MET A 59 17.74 -8.27 -8.68
C MET A 59 16.33 -8.70 -8.37
N MET A 60 15.37 -8.28 -9.20
CA MET A 60 13.96 -8.58 -8.93
C MET A 60 13.60 -10.05 -9.19
N GLU A 61 14.24 -10.67 -10.19
CA GLU A 61 14.13 -12.12 -10.42
C GLU A 61 14.65 -12.87 -9.20
N ARG A 62 15.79 -12.45 -8.68
CA ARG A 62 16.34 -13.07 -7.45
C ARG A 62 15.33 -12.87 -6.30
N GLY A 63 14.70 -11.69 -6.23
CA GLY A 63 13.69 -11.40 -5.22
C GLY A 63 12.54 -12.43 -5.20
N VAL A 64 12.00 -12.74 -6.36
CA VAL A 64 10.91 -13.71 -6.46
C VAL A 64 11.43 -15.07 -5.98
N GLU A 65 12.62 -15.45 -6.45
CA GLU A 65 13.26 -16.72 -5.98
C GLU A 65 13.34 -16.78 -4.44
N GLN A 66 13.81 -15.70 -3.83
CA GLN A 66 14.00 -15.62 -2.39
C GLN A 66 12.67 -15.72 -1.67
N VAL A 67 11.65 -15.05 -2.21
CA VAL A 67 10.29 -15.19 -1.64
C VAL A 67 9.85 -16.63 -1.64
N ARG A 68 9.98 -17.29 -2.78
CA ARG A 68 9.52 -18.68 -2.87
C ARG A 68 10.31 -19.59 -1.92
N HIS A 69 11.63 -19.40 -1.86
CA HIS A 69 12.50 -20.18 -0.99
C HIS A 69 12.21 -19.93 0.48
N TYR A 70 11.90 -18.69 0.84
CA TYR A 70 11.63 -18.32 2.23
C TYR A 70 10.31 -18.99 2.67
N LEU A 71 9.28 -18.84 1.87
CA LEU A 71 7.98 -19.43 2.20
C LEU A 71 8.11 -20.95 2.32
N ASN A 72 8.86 -21.58 1.43
CA ASN A 72 9.06 -23.05 1.50
C ASN A 72 9.80 -23.49 2.79
N ALA A 73 10.62 -22.61 3.32
CA ALA A 73 11.45 -22.90 4.50
C ALA A 73 10.73 -22.73 5.84
N ILE A 74 9.58 -22.05 5.84
CA ILE A 74 8.83 -21.86 7.08
C ILE A 74 8.19 -23.18 7.48
N PRO A 75 8.44 -23.62 8.72
CA PRO A 75 7.89 -24.90 9.15
C PRO A 75 6.39 -24.99 8.96
N ILE A 76 5.91 -26.19 8.63
CA ILE A 76 4.47 -26.36 8.36
C ILE A 76 3.78 -26.98 9.58
N GLY A 77 2.90 -26.21 10.22
CA GLY A 77 2.13 -26.71 11.35
C GLY A 77 0.79 -27.17 10.80
N ALA A 78 -0.20 -27.24 11.69
CA ALA A 78 -1.50 -27.80 11.35
C ALA A 78 -2.58 -26.92 11.96
N GLY A 79 -3.73 -26.91 11.30
CA GLY A 79 -4.87 -26.23 11.87
C GLY A 79 -4.75 -24.70 11.82
N PRO A 80 -5.71 -24.00 12.46
CA PRO A 80 -5.64 -22.55 12.59
C PRO A 80 -4.36 -22.09 13.32
N GLN A 81 -3.89 -22.86 14.31
CA GLN A 81 -2.66 -22.49 15.02
C GLN A 81 -1.45 -22.48 14.08
N GLY A 82 -1.37 -23.49 13.21
CA GLY A 82 -0.28 -23.58 12.24
C GLY A 82 -0.31 -22.43 11.25
N LEU A 83 -1.53 -22.06 10.82
CA LEU A 83 -1.67 -20.85 10.00
C LEU A 83 -1.23 -19.58 10.75
N TRP A 84 -1.69 -19.39 11.96
CA TRP A 84 -1.24 -18.24 12.78
C TRP A 84 0.28 -18.22 12.97
N GLU A 85 0.89 -19.36 13.18
CA GLU A 85 2.35 -19.39 13.35
C GLU A 85 3.08 -18.97 12.08
N PHE A 86 2.61 -19.48 10.94
CA PHE A 86 3.17 -19.12 9.64
C PHE A 86 3.01 -17.60 9.40
N LEU A 87 1.83 -17.08 9.70
CA LEU A 87 1.56 -15.66 9.45
C LEU A 87 2.45 -14.79 10.31
N GLN A 88 2.64 -15.18 11.57
CA GLN A 88 3.62 -14.47 12.44
C GLN A 88 5.01 -14.40 11.82
N VAL A 89 5.52 -15.54 11.34
CA VAL A 89 6.83 -15.57 10.69
C VAL A 89 6.86 -14.68 9.42
N LEU A 90 5.81 -14.78 8.59
CA LEU A 90 5.75 -14.02 7.33
C LEU A 90 5.81 -12.51 7.62
N VAL A 91 5.00 -12.06 8.60
CA VAL A 91 4.89 -10.62 8.89
C VAL A 91 6.21 -10.14 9.50
N ARG A 92 6.78 -10.95 10.39
CA ARG A 92 8.05 -10.58 11.04
CA ARG A 92 8.07 -10.64 11.04
C ARG A 92 9.25 -10.58 10.09
N SER A 93 9.10 -11.21 8.92
CA SER A 93 10.15 -11.32 7.89
C SER A 93 10.42 -9.98 7.21
N MET A 94 9.51 -9.03 7.33
CA MET A 94 9.69 -7.74 6.65
C MET A 94 10.64 -6.88 7.46
N ASN A 95 11.77 -6.49 6.87
CA ASN A 95 12.83 -5.76 7.59
C ASN A 95 12.47 -4.31 7.79
N THR A 96 12.52 -3.82 9.03
CA THR A 96 12.17 -2.43 9.33
C THR A 96 13.38 -1.73 9.95
N ARG A 97 14.55 -2.32 9.76
CA ARG A 97 15.86 -1.84 10.28
C ARG A 97 16.09 -0.43 9.76
N ASN A 98 15.74 -0.22 8.50
CA ASN A 98 15.97 1.04 7.82
C ASN A 98 14.64 1.61 7.34
N ASP A 99 14.68 2.58 6.42
CA ASP A 99 13.46 3.35 6.01
C ASP A 99 12.47 2.46 5.23
N PHE A 100 11.39 2.04 5.90
CA PHE A 100 10.42 1.16 5.26
C PHE A 100 9.70 1.82 4.06
N SER A 101 9.64 3.15 4.05
CA SER A 101 8.83 3.84 3.02
C SER A 101 9.40 3.63 1.61
N VAL A 102 10.69 3.26 1.54
CA VAL A 102 11.31 2.98 0.24
C VAL A 102 10.53 1.87 -0.50
N ASN A 103 9.98 0.93 0.26
CA ASN A 103 9.18 -0.15 -0.34
C ASN A 103 8.03 0.36 -1.26
N TYR A 104 7.41 1.49 -0.90
CA TYR A 104 6.32 2.07 -1.68
C TYR A 104 6.82 2.66 -2.97
N LEU A 105 8.02 3.24 -2.91
CA LEU A 105 8.67 3.75 -4.14
C LEU A 105 9.08 2.61 -5.05
N ILE A 106 9.64 1.55 -4.46
CA ILE A 106 10.05 0.38 -5.23
C ILE A 106 8.80 -0.16 -5.92
N SER A 107 7.69 -0.26 -5.18
CA SER A 107 6.44 -0.78 -5.76
CA SER A 107 6.43 -0.76 -5.75
C SER A 107 5.92 0.10 -6.90
N TRP A 108 5.90 1.43 -6.68
CA TRP A 108 5.49 2.34 -7.73
C TRP A 108 6.35 2.15 -8.98
N TYR A 109 7.66 2.12 -8.80
CA TYR A 109 8.56 2.02 -9.93
C TYR A 109 8.31 0.72 -10.71
N GLU A 110 8.19 -0.41 -9.99
CA GLU A 110 7.83 -1.68 -10.62
C GLU A 110 6.62 -1.54 -11.52
N LEU A 111 5.62 -0.79 -11.10
CA LEU A 111 4.42 -0.66 -11.91
C LEU A 111 4.66 0.05 -13.21
N GLN A 112 5.77 0.80 -13.30
CA GLN A 112 6.07 1.62 -14.48
C GLN A 112 6.82 0.83 -15.53
N VAL A 113 7.35 -0.33 -15.17
CA VAL A 113 8.28 -1.05 -16.07
C VAL A 113 7.72 -2.47 -16.24
N PRO A 114 7.14 -2.75 -17.41
CA PRO A 114 6.41 -4.02 -17.57
C PRO A 114 7.19 -5.28 -17.12
N GLU A 115 8.50 -5.35 -17.42
CA GLU A 115 9.33 -6.49 -17.00
C GLU A 115 9.39 -6.62 -15.47
N LEU A 116 9.52 -5.49 -14.78
CA LEU A 116 9.54 -5.53 -13.34
C LEU A 116 8.11 -5.78 -12.79
N ARG A 117 7.11 -5.25 -13.48
CA ARG A 117 5.73 -5.40 -12.97
C ARG A 117 5.30 -6.87 -12.94
N THR A 118 5.69 -7.63 -14.00
CA THR A 118 5.41 -9.09 -14.05
CA THR A 118 5.37 -9.07 -14.04
C THR A 118 6.02 -9.79 -12.87
N LEU A 119 7.23 -9.37 -12.49
CA LEU A 119 7.91 -9.99 -11.35
C LEU A 119 7.23 -9.63 -10.02
N ALA A 120 6.80 -8.38 -9.87
CA ALA A 120 6.00 -7.96 -8.69
C ALA A 120 4.71 -8.79 -8.59
N ILE A 121 4.06 -9.02 -9.74
CA ILE A 121 2.85 -9.87 -9.76
C ILE A 121 3.20 -11.29 -9.32
N GLN A 122 4.29 -11.84 -9.83
CA GLN A 122 4.75 -13.18 -9.39
C GLN A 122 5.04 -13.25 -7.87
N ARG A 123 5.64 -12.19 -7.33
CA ARG A 123 5.93 -12.09 -5.91
C ARG A 123 4.64 -12.16 -5.11
N ASN A 124 3.70 -11.28 -5.42
CA ASN A 124 2.44 -11.28 -4.67
C ASN A 124 1.70 -12.60 -4.84
N ARG A 125 1.73 -13.14 -6.05
CA ARG A 125 1.06 -14.44 -6.27
C ARG A 125 1.70 -15.56 -5.43
N ALA A 126 3.03 -15.55 -5.28
CA ALA A 126 3.73 -16.54 -4.47
C ALA A 126 3.31 -16.46 -3.01
N VAL A 127 3.14 -15.22 -2.52
CA VAL A 127 2.77 -15.02 -1.10
C VAL A 127 1.32 -15.46 -0.90
N VAL A 128 0.43 -15.02 -1.79
CA VAL A 128 -1.00 -15.46 -1.73
C VAL A 128 -1.11 -16.98 -1.77
N GLU A 129 -0.40 -17.60 -2.70
CA GLU A 129 -0.44 -19.09 -2.82
C GLU A 129 0.19 -19.77 -1.59
N GLY A 130 1.22 -19.16 -1.01
CA GLY A 130 1.87 -19.68 0.18
C GLY A 130 0.89 -19.64 1.35
N ILE A 131 0.09 -18.59 1.42
CA ILE A 131 -0.93 -18.52 2.48
C ILE A 131 -1.99 -19.59 2.21
N ARG A 132 -2.42 -19.67 0.95
CA ARG A 132 -3.53 -20.56 0.56
C ARG A 132 -3.24 -22.01 0.95
N LYS A 133 -2.03 -22.46 0.62
CA LYS A 133 -1.57 -23.84 0.99
C LYS A 133 -1.52 -24.15 2.48
N ARG A 134 -1.56 -23.12 3.31
CA ARG A 134 -1.52 -23.29 4.75
C ARG A 134 -2.90 -23.11 5.38
N LEU A 135 -3.95 -22.89 4.59
CA LEU A 135 -5.30 -22.70 5.15
C LEU A 135 -5.83 -24.03 5.66
N PRO A 136 -6.34 -24.04 6.90
CA PRO A 136 -6.95 -25.31 7.32
C PRO A 136 -8.31 -25.43 6.65
N PRO A 137 -8.90 -26.63 6.71
CA PRO A 137 -10.21 -26.84 6.09
C PRO A 137 -11.21 -25.86 6.72
N GLY A 138 -12.19 -25.39 6.00
CA GLY A 138 -13.11 -24.53 6.82
C GLY A 138 -12.75 -23.07 6.99
N ALA A 139 -11.57 -22.69 6.51
CA ALA A 139 -11.34 -21.28 6.19
C ALA A 139 -12.39 -20.84 5.15
N PRO A 140 -12.83 -19.58 5.20
CA PRO A 140 -13.79 -19.12 4.18
C PRO A 140 -13.19 -19.07 2.78
N ALA A 141 -14.05 -19.06 1.76
CA ALA A 141 -13.59 -18.95 0.36
C ALA A 141 -12.70 -17.70 0.17
N ALA A 142 -11.58 -17.87 -0.54
CA ALA A 142 -10.67 -16.78 -0.88
C ALA A 142 -10.01 -16.16 0.34
N ALA A 143 -9.97 -16.92 1.44
CA ALA A 143 -9.35 -16.42 2.67
C ALA A 143 -7.91 -15.96 2.40
N GLU A 144 -7.24 -16.59 1.44
CA GLU A 144 -5.81 -16.26 1.18
C GLU A 144 -5.70 -14.81 0.68
N LEU A 145 -6.68 -14.39 -0.14
CA LEU A 145 -6.70 -12.98 -0.59
C LEU A 145 -6.97 -12.01 0.55
N LEU A 146 -7.94 -12.31 1.41
CA LEU A 146 -8.23 -11.48 2.59
CA LEU A 146 -8.26 -11.48 2.58
C LEU A 146 -7.07 -11.36 3.53
N LEU A 147 -6.35 -12.48 3.75
CA LEU A 147 -5.21 -12.45 4.68
C LEU A 147 -4.10 -11.63 4.09
N HIS A 148 -3.82 -11.80 2.79
CA HIS A 148 -2.78 -10.97 2.15
C HIS A 148 -3.13 -9.48 2.20
N SER A 149 -4.40 -9.15 1.95
CA SER A 149 -4.89 -7.78 2.04
C SER A 149 -4.73 -7.17 3.43
N VAL A 150 -5.03 -7.93 4.48
CA VAL A 150 -4.83 -7.43 5.82
C VAL A 150 -3.35 -7.12 6.06
N ILE A 151 -2.47 -8.05 5.64
CA ILE A 151 -1.03 -7.76 5.82
C ILE A 151 -0.66 -6.48 5.07
N ALA A 152 -1.01 -6.39 3.79
CA ALA A 152 -0.61 -5.23 3.01
C ALA A 152 -1.21 -3.91 3.53
N GLY A 153 -2.49 -3.95 3.88
CA GLY A 153 -3.22 -2.73 4.29
C GLY A 153 -2.74 -2.28 5.67
N ALA A 154 -2.62 -3.25 6.61
CA ALA A 154 -2.19 -2.88 7.96
C ALA A 154 -0.74 -2.38 7.92
N THR A 155 0.07 -2.94 7.03
CA THR A 155 1.48 -2.51 6.91
C THR A 155 1.48 -1.06 6.41
N MET A 156 0.65 -0.77 5.41
CA MET A 156 0.57 0.62 4.91
C MET A 156 0.06 1.61 5.96
N GLN A 157 -0.91 1.19 6.76
CA GLN A 157 -1.40 2.02 7.88
C GLN A 157 -0.24 2.37 8.80
N TRP A 158 0.55 1.36 9.12
CA TRP A 158 1.70 1.52 10.01
C TRP A 158 2.79 2.41 9.38
N ALA A 159 3.07 2.23 8.09
CA ALA A 159 4.10 2.98 7.40
C ALA A 159 3.74 4.48 7.37
N VAL A 160 2.45 4.79 7.25
CA VAL A 160 1.97 6.20 7.23
C VAL A 160 1.96 6.74 8.67
N ASP A 161 1.44 5.95 9.60
CA ASP A 161 1.07 6.41 10.97
C ASP A 161 1.64 5.39 11.98
N PRO A 162 2.98 5.34 12.12
CA PRO A 162 3.58 4.30 12.95
C PRO A 162 3.40 4.56 14.45
N ASP A 163 2.93 3.55 15.17
N ASP A 163 2.92 3.52 15.13
CA ASP A 163 2.79 3.67 16.64
CA ASP A 163 2.60 3.51 16.56
C ASP A 163 3.89 2.90 17.36
C ASP A 163 3.73 2.83 17.39
N GLY A 164 4.14 1.67 16.92
CA GLY A 164 5.17 0.83 17.56
C GLY A 164 5.80 0.03 16.44
N GLU A 165 6.03 -1.26 16.69
CA GLU A 165 6.66 -2.14 15.70
C GLU A 165 5.66 -2.54 14.63
N LEU A 166 6.14 -2.68 13.40
CA LEU A 166 5.29 -3.06 12.26
C LEU A 166 4.53 -4.34 12.60
N ALA A 167 5.27 -5.38 12.97
CA ALA A 167 4.63 -6.68 13.23
C ALA A 167 3.54 -6.60 14.31
N ASP A 168 3.75 -5.79 15.35
CA ASP A 168 2.72 -5.70 16.37
C ASP A 168 1.41 -5.15 15.85
N HIS A 169 1.53 -4.14 15.00
CA HIS A 169 0.35 -3.48 14.45
C HIS A 169 -0.37 -4.43 13.51
N VAL A 170 0.39 -5.10 12.65
CA VAL A 170 -0.19 -5.98 11.64
C VAL A 170 -0.76 -7.23 12.30
N LEU A 171 0.00 -7.84 13.21
CA LEU A 171 -0.44 -9.12 13.78
C LEU A 171 -1.65 -9.01 14.71
N ALA A 172 -1.86 -7.83 15.31
CA ALA A 172 -3.09 -7.60 16.08
C ALA A 172 -4.30 -7.75 15.18
N GLN A 173 -4.19 -7.21 13.96
CA GLN A 173 -5.28 -7.37 12.99
C GLN A 173 -5.39 -8.79 12.43
N ILE A 174 -4.26 -9.42 12.18
CA ILE A 174 -4.29 -10.80 11.74
C ILE A 174 -4.95 -11.68 12.80
N ALA A 175 -4.60 -11.48 14.08
CA ALA A 175 -5.25 -12.26 15.14
C ALA A 175 -6.77 -11.99 15.12
N ALA A 176 -7.17 -10.73 14.97
CA ALA A 176 -8.59 -10.36 14.96
C ALA A 176 -9.33 -11.07 13.85
N ILE A 177 -8.77 -11.12 12.63
CA ILE A 177 -9.50 -11.75 11.53
C ILE A 177 -9.50 -13.27 11.68
N LEU A 178 -8.43 -13.83 12.22
CA LEU A 178 -8.40 -15.27 12.44
C LEU A 178 -9.46 -15.68 13.47
N CYS A 179 -9.68 -14.83 14.47
CA CYS A 179 -10.76 -15.08 15.44
C CYS A 179 -12.10 -15.16 14.75
N LEU A 180 -12.30 -14.30 13.75
CA LEU A 180 -13.54 -14.29 12.96
C LEU A 180 -13.63 -15.48 12.02
N MET A 181 -12.49 -15.89 11.47
CA MET A 181 -12.47 -17.03 10.57
C MET A 181 -12.69 -18.33 11.29
N PHE A 182 -12.22 -18.40 12.53
CA PHE A 182 -12.16 -19.63 13.32
C PHE A 182 -12.74 -19.38 14.71
N PRO A 183 -14.06 -19.10 14.79
CA PRO A 183 -14.67 -18.71 16.07
C PRO A 183 -14.62 -19.81 17.14
N GLU A 184 -14.54 -21.06 16.69
CA GLU A 184 -14.50 -22.20 17.62
C GLU A 184 -13.09 -22.43 18.17
N HIS A 185 -12.13 -21.61 17.71
CA HIS A 185 -10.74 -21.71 18.17
C HIS A 185 -10.50 -20.76 19.34
N ASP A 186 -9.48 -21.05 20.15
CA ASP A 186 -9.02 -20.12 21.20
C ASP A 186 -8.61 -18.77 20.59
N ASP A 187 -8.42 -17.77 21.45
CA ASP A 187 -7.79 -16.50 21.02
C ASP A 187 -6.37 -16.78 20.52
N PHE A 188 -5.97 -16.06 19.46
CA PHE A 188 -4.65 -16.27 18.88
C PHE A 188 -3.66 -15.33 19.57
N GLN A 189 -2.63 -15.83 20.33
CA GLN A 189 -1.67 -15.15 21.17
C GLN A 189 -0.29 -15.11 20.52
N LEU A 190 0.32 -14.00 20.52
CA LEU A 190 1.64 -13.81 19.94
C LEU A 190 2.75 -14.25 20.90
N LEU B 7 -9.02 32.09 -13.66
CA LEU B 7 -9.61 31.35 -12.49
C LEU B 7 -9.23 31.98 -11.16
N LYS B 8 -10.23 32.25 -10.32
CA LYS B 8 -10.09 33.19 -9.20
C LYS B 8 -9.77 32.58 -7.82
N SER B 9 -10.70 31.84 -7.22
CA SER B 9 -10.61 31.48 -5.80
C SER B 9 -9.42 30.57 -5.43
N ASP B 10 -8.98 30.62 -4.16
CA ASP B 10 -7.93 29.73 -3.64
C ASP B 10 -8.32 28.28 -3.86
N ASP B 11 -9.61 28.02 -3.70
CA ASP B 11 -10.18 26.70 -3.89
C ASP B 11 -10.14 26.23 -5.36
N GLU B 12 -10.54 27.11 -6.28
CA GLU B 12 -10.45 26.83 -7.71
C GLU B 12 -9.00 26.57 -8.16
N VAL B 13 -8.03 27.30 -7.58
CA VAL B 13 -6.61 27.12 -7.90
C VAL B 13 -6.08 25.79 -7.34
N LEU B 14 -6.43 25.50 -6.09
CA LEU B 14 -5.99 24.25 -5.43
C LEU B 14 -6.56 23.00 -6.13
N GLU B 15 -7.81 23.08 -6.56
CA GLU B 15 -8.39 22.01 -7.37
C GLU B 15 -7.62 21.79 -8.68
N ALA B 16 -7.29 22.88 -9.39
CA ALA B 16 -6.54 22.76 -10.64
C ALA B 16 -5.15 22.18 -10.40
N ALA B 17 -4.50 22.60 -9.32
CA ALA B 17 -3.19 22.07 -8.94
C ALA B 17 -3.28 20.56 -8.62
N THR B 18 -4.41 20.16 -8.01
CA THR B 18 -4.66 18.73 -7.71
C THR B 18 -4.79 17.92 -8.98
N VAL B 19 -5.47 18.47 -10.00
CA VAL B 19 -5.49 17.85 -11.32
C VAL B 19 -4.07 17.60 -11.84
N VAL B 20 -3.22 18.61 -11.73
CA VAL B 20 -1.86 18.48 -12.19
C VAL B 20 -1.09 17.43 -11.40
N LEU B 21 -1.25 17.43 -10.07
CA LEU B 21 -0.57 16.46 -9.23
C LEU B 21 -0.95 15.02 -9.65
N LYS B 22 -2.25 14.77 -9.87
CA LYS B 22 -2.70 13.43 -10.31
C LYS B 22 -2.14 13.05 -11.70
N ARG B 23 -1.99 14.03 -12.60
N ARG B 23 -2.05 14.05 -12.55
CA ARG B 23 -1.47 13.76 -13.97
CA ARG B 23 -1.53 13.87 -13.90
C ARG B 23 0.06 13.62 -14.10
C ARG B 23 -0.07 13.47 -13.87
N CYS B 24 0.78 14.26 -13.20
CA CYS B 24 2.25 14.34 -13.31
CA CYS B 24 2.22 14.12 -13.39
C CYS B 24 2.96 13.62 -12.15
N GLY B 25 2.26 13.51 -11.04
CA GLY B 25 2.88 13.03 -9.81
C GLY B 25 3.63 14.18 -9.12
N PRO B 26 4.09 13.95 -7.89
CA PRO B 26 4.66 15.00 -7.07
C PRO B 26 6.09 15.36 -7.42
N ILE B 27 6.81 14.46 -8.10
CA ILE B 27 8.17 14.82 -8.54
C ILE B 27 8.09 15.81 -9.69
N GLU B 28 7.27 15.52 -10.69
CA GLU B 28 7.19 16.36 -11.90
C GLU B 28 6.24 17.55 -11.73
N PHE B 29 5.57 17.63 -10.59
CA PHE B 29 4.71 18.77 -10.24
C PHE B 29 5.48 20.13 -10.23
N THR B 30 5.01 21.11 -10.97
CA THR B 30 5.63 22.45 -11.01
C THR B 30 4.57 23.54 -10.91
N LEU B 31 4.97 24.71 -10.41
CA LEU B 31 4.15 25.93 -10.49
C LEU B 31 3.78 26.28 -11.93
N SER B 32 4.72 26.12 -12.86
CA SER B 32 4.41 26.42 -14.24
C SER B 32 3.22 25.62 -14.75
N GLY B 33 3.12 24.32 -14.30
CA GLY B 33 2.13 23.39 -14.82
C GLY B 33 0.78 23.67 -14.21
N VAL B 34 0.78 24.05 -12.94
CA VAL B 34 -0.43 24.55 -12.30
C VAL B 34 -0.91 25.83 -13.01
N ALA B 35 0.03 26.74 -13.28
CA ALA B 35 -0.32 28.03 -13.88
C ALA B 35 -1.04 27.84 -15.22
N LYS B 36 -0.48 26.95 -16.05
CA LYS B 36 -1.06 26.55 -17.36
C LYS B 36 -2.43 25.84 -17.22
N GLU B 37 -2.60 25.03 -16.18
CA GLU B 37 -3.89 24.40 -15.93
C GLU B 37 -4.98 25.41 -15.54
N VAL B 38 -4.67 26.30 -14.59
CA VAL B 38 -5.70 27.17 -13.99
C VAL B 38 -5.91 28.46 -14.79
N GLY B 39 -5.00 28.76 -15.70
CA GLY B 39 -5.08 30.00 -16.45
C GLY B 39 -4.67 31.19 -15.60
N LEU B 40 -3.60 31.02 -14.81
CA LEU B 40 -2.98 32.15 -14.12
C LEU B 40 -1.49 32.18 -14.40
N SER B 41 -0.86 33.34 -14.19
CA SER B 41 0.59 33.43 -14.30
C SER B 41 1.26 32.61 -13.18
N ARG B 42 2.48 32.16 -13.42
CA ARG B 42 3.29 31.57 -12.37
C ARG B 42 3.57 32.58 -11.23
N ALA B 43 3.85 33.84 -11.59
CA ALA B 43 4.02 34.90 -10.60
C ALA B 43 2.81 35.03 -9.64
N ALA B 44 1.58 34.87 -10.18
CA ALA B 44 0.36 34.91 -9.36
C ALA B 44 0.32 33.78 -8.34
N LEU B 45 0.75 32.58 -8.75
CA LEU B 45 0.80 31.43 -7.86
C LEU B 45 1.77 31.68 -6.75
N ILE B 46 2.87 32.35 -7.09
CA ILE B 46 3.92 32.66 -6.11
C ILE B 46 3.43 33.70 -5.10
N GLN B 47 2.69 34.71 -5.57
CA GLN B 47 2.16 35.72 -4.66
C GLN B 47 1.13 35.13 -3.71
N ARG B 48 0.41 34.11 -4.16
CA ARG B 48 -0.66 33.56 -3.36
C ARG B 48 -0.25 32.39 -2.49
N PHE B 49 0.73 31.61 -2.97
CA PHE B 49 1.15 30.37 -2.31
C PHE B 49 2.66 30.25 -2.03
N THR B 50 3.41 31.33 -2.25
CA THR B 50 4.86 31.44 -1.94
C THR B 50 5.81 30.61 -2.84
N ASN B 51 5.62 29.29 -2.89
CA ASN B 51 6.46 28.40 -3.68
C ASN B 51 5.85 27.00 -3.86
N ARG B 52 6.55 26.13 -4.59
CA ARG B 52 6.03 24.80 -4.95
C ARG B 52 5.68 24.03 -3.70
N ASP B 53 6.63 23.99 -2.77
CA ASP B 53 6.49 23.18 -1.56
C ASP B 53 5.30 23.63 -0.71
N THR B 54 5.08 24.93 -0.64
CA THR B 54 3.98 25.50 0.13
C THR B 54 2.62 25.24 -0.55
N LEU B 55 2.57 25.37 -1.87
CA LEU B 55 1.38 25.01 -2.61
C LEU B 55 0.97 23.54 -2.39
N LEU B 56 1.96 22.63 -2.45
CA LEU B 56 1.73 21.21 -2.13
C LEU B 56 1.09 21.02 -0.76
N VAL B 57 1.60 21.73 0.23
CA VAL B 57 1.03 21.67 1.55
C VAL B 57 -0.45 22.13 1.55
N ARG B 58 -0.72 23.31 1.01
CA ARG B 58 -2.10 23.77 0.94
C ARG B 58 -3.03 22.82 0.18
N MET B 59 -2.53 22.21 -0.89
CA MET B 59 -3.31 21.24 -1.66
CA MET B 59 -3.28 21.24 -1.68
C MET B 59 -3.66 20.03 -0.82
N MET B 60 -2.69 19.54 -0.07
CA MET B 60 -2.90 18.34 0.76
C MET B 60 -3.77 18.67 1.96
N GLU B 61 -3.64 19.91 2.46
CA GLU B 61 -4.59 20.39 3.49
C GLU B 61 -6.01 20.36 2.94
N ARG B 62 -6.19 20.83 1.70
CA ARG B 62 -7.51 20.80 1.09
C ARG B 62 -7.99 19.35 0.91
N GLY B 63 -7.07 18.44 0.53
CA GLY B 63 -7.40 17.02 0.47
C GLY B 63 -8.04 16.47 1.73
N VAL B 64 -7.41 16.75 2.88
CA VAL B 64 -7.83 16.20 4.15
C VAL B 64 -9.19 16.84 4.48
N GLU B 65 -9.30 18.14 4.24
CA GLU B 65 -10.57 18.85 4.41
C GLU B 65 -11.67 18.21 3.57
N GLN B 66 -11.36 17.84 2.32
CA GLN B 66 -12.36 17.31 1.40
C GLN B 66 -12.77 15.91 1.75
N VAL B 67 -11.82 15.12 2.26
CA VAL B 67 -12.14 13.78 2.78
C VAL B 67 -13.11 13.95 3.94
N ARG B 68 -12.78 14.82 4.91
CA ARG B 68 -13.64 14.98 6.08
C ARG B 68 -14.98 15.51 5.65
N HIS B 69 -15.00 16.49 4.74
CA HIS B 69 -16.24 17.14 4.27
C HIS B 69 -17.11 16.08 3.57
N TYR B 70 -16.46 15.28 2.76
CA TYR B 70 -17.15 14.21 2.02
C TYR B 70 -17.71 13.14 2.96
N LEU B 71 -16.87 12.54 3.80
CA LEU B 71 -17.32 11.44 4.66
C LEU B 71 -18.38 11.89 5.67
N ASN B 72 -18.24 13.11 6.16
CA ASN B 72 -19.12 13.55 7.25
C ASN B 72 -20.58 13.71 6.82
N ALA B 73 -20.82 13.88 5.54
CA ALA B 73 -22.22 14.15 5.15
C ALA B 73 -22.87 12.96 4.42
N ILE B 74 -22.12 11.88 4.27
CA ILE B 74 -22.66 10.64 3.63
C ILE B 74 -23.74 10.09 4.54
N PRO B 75 -24.97 9.92 4.01
CA PRO B 75 -26.11 9.55 4.88
C PRO B 75 -25.89 8.20 5.61
N ILE B 76 -26.26 8.12 6.89
CA ILE B 76 -25.96 6.91 7.68
C ILE B 76 -27.18 5.96 7.79
N GLY B 77 -27.00 4.74 7.27
CA GLY B 77 -28.01 3.70 7.34
C GLY B 77 -27.82 2.84 8.58
N ALA B 78 -28.80 2.00 8.87
CA ALA B 78 -28.80 1.20 10.09
C ALA B 78 -28.15 -0.16 9.88
N GLY B 79 -27.48 -0.65 10.92
CA GLY B 79 -27.06 -2.04 10.97
C GLY B 79 -25.91 -2.34 10.03
N PRO B 80 -25.56 -3.62 9.88
CA PRO B 80 -24.47 -4.05 9.00
C PRO B 80 -24.75 -3.64 7.55
N GLN B 81 -26.02 -3.62 7.16
CA GLN B 81 -26.36 -3.23 5.80
C GLN B 81 -25.98 -1.76 5.53
N GLY B 82 -26.27 -0.86 6.48
CA GLY B 82 -25.81 0.54 6.37
C GLY B 82 -24.27 0.64 6.26
N LEU B 83 -23.58 -0.14 7.08
CA LEU B 83 -22.10 -0.17 7.00
C LEU B 83 -21.64 -0.61 5.62
N TRP B 84 -22.24 -1.68 5.11
CA TRP B 84 -21.91 -2.18 3.76
C TRP B 84 -22.12 -1.13 2.68
N GLU B 85 -23.28 -0.46 2.74
CA GLU B 85 -23.61 0.65 1.83
C GLU B 85 -22.58 1.74 1.88
N PHE B 86 -22.15 2.11 3.09
CA PHE B 86 -21.16 3.15 3.24
C PHE B 86 -19.85 2.70 2.61
N LEU B 87 -19.40 1.49 2.95
CA LEU B 87 -18.11 1.01 2.41
C LEU B 87 -18.13 0.93 0.88
N GLN B 88 -19.27 0.57 0.30
CA GLN B 88 -19.40 0.60 -1.18
C GLN B 88 -19.15 2.00 -1.74
N VAL B 89 -19.82 3.01 -1.17
CA VAL B 89 -19.64 4.41 -1.59
C VAL B 89 -18.18 4.82 -1.45
N LEU B 90 -17.60 4.49 -0.31
CA LEU B 90 -16.22 4.80 -0.03
C LEU B 90 -15.27 4.23 -1.10
N VAL B 91 -15.37 2.92 -1.35
CA VAL B 91 -14.47 2.26 -2.30
C VAL B 91 -14.70 2.78 -3.74
N ARG B 92 -15.95 2.97 -4.11
CA ARG B 92 -16.30 3.42 -5.45
CA ARG B 92 -16.27 3.42 -5.46
C ARG B 92 -15.87 4.88 -5.72
N SER B 93 -15.55 5.60 -4.63
CA SER B 93 -15.11 7.00 -4.73
C SER B 93 -13.72 7.11 -5.34
N MET B 94 -12.94 6.03 -5.29
CA MET B 94 -11.61 6.07 -5.89
C MET B 94 -11.59 6.02 -7.42
N ASN B 95 -10.91 6.99 -8.03
CA ASN B 95 -10.87 7.10 -9.48
C ASN B 95 -9.71 6.26 -10.05
N THR B 96 -10.03 5.30 -10.91
CA THR B 96 -8.99 4.54 -11.58
C THR B 96 -8.83 4.87 -13.08
N ARG B 97 -9.42 5.98 -13.53
CA ARG B 97 -9.53 6.22 -15.00
C ARG B 97 -8.28 6.67 -15.78
N ASN B 98 -7.32 7.24 -15.07
CA ASN B 98 -6.10 7.65 -15.75
C ASN B 98 -4.98 6.68 -15.33
N ASP B 99 -4.17 7.08 -14.36
CA ASP B 99 -3.03 6.21 -13.96
C ASP B 99 -3.08 5.98 -12.45
N PHE B 100 -3.69 4.89 -12.00
CA PHE B 100 -3.92 4.74 -10.56
C PHE B 100 -2.60 4.64 -9.79
N SER B 101 -1.54 4.22 -10.47
CA SER B 101 -0.23 3.98 -9.77
C SER B 101 0.35 5.28 -9.20
N VAL B 102 -0.09 6.42 -9.74
CA VAL B 102 0.42 7.72 -9.26
C VAL B 102 0.11 7.85 -7.77
N ASN B 103 -1.01 7.27 -7.32
CA ASN B 103 -1.28 7.30 -5.85
C ASN B 103 -0.16 6.76 -4.96
N TYR B 104 0.56 5.74 -5.44
CA TYR B 104 1.64 5.14 -4.64
C TYR B 104 2.84 6.06 -4.64
N LEU B 105 3.03 6.81 -5.74
CA LEU B 105 4.13 7.79 -5.76
C LEU B 105 3.81 8.97 -4.82
N ILE B 106 2.58 9.44 -4.90
CA ILE B 106 2.05 10.48 -4.00
C ILE B 106 2.23 10.09 -2.57
N SER B 107 1.75 8.89 -2.21
CA SER B 107 1.89 8.39 -0.86
CA SER B 107 1.92 8.42 -0.85
C SER B 107 3.36 8.30 -0.40
N TRP B 108 4.25 7.74 -1.24
CA TRP B 108 5.65 7.71 -0.90
C TRP B 108 6.20 9.14 -0.62
N TYR B 109 5.94 10.03 -1.56
CA TYR B 109 6.46 11.41 -1.49
C TYR B 109 6.01 12.09 -0.20
N GLU B 110 4.74 11.95 0.11
CA GLU B 110 4.15 12.48 1.38
C GLU B 110 4.94 12.05 2.61
N LEU B 111 5.36 10.78 2.64
CA LEU B 111 6.11 10.27 3.80
C LEU B 111 7.51 10.87 3.97
N GLN B 112 8.04 11.47 2.92
CA GLN B 112 9.36 12.08 2.95
C GLN B 112 9.38 13.52 3.47
N VAL B 113 8.22 14.15 3.54
CA VAL B 113 8.13 15.57 3.86
C VAL B 113 7.30 15.69 5.14
N PRO B 114 7.90 16.05 6.29
CA PRO B 114 7.10 15.99 7.51
C PRO B 114 5.73 16.66 7.47
N GLU B 115 5.64 17.84 6.87
CA GLU B 115 4.37 18.56 6.78
C GLU B 115 3.32 17.70 6.06
N LEU B 116 3.72 17.10 4.93
CA LEU B 116 2.78 16.27 4.15
C LEU B 116 2.45 14.97 4.86
N ARG B 117 3.45 14.43 5.56
CA ARG B 117 3.25 13.18 6.28
C ARG B 117 2.15 13.33 7.34
N THR B 118 2.16 14.45 8.07
CA THR B 118 1.15 14.69 9.07
C THR B 118 -0.24 14.76 8.46
N LEU B 119 -0.34 15.40 7.28
CA LEU B 119 -1.63 15.46 6.62
C LEU B 119 -2.09 14.09 6.11
N ALA B 120 -1.16 13.29 5.60
CA ALA B 120 -1.47 11.91 5.21
C ALA B 120 -2.00 11.09 6.39
N ILE B 121 -1.39 11.28 7.55
CA ILE B 121 -1.89 10.62 8.78
C ILE B 121 -3.31 11.09 9.07
N GLN B 122 -3.55 12.39 9.03
CA GLN B 122 -4.89 12.91 9.27
C GLN B 122 -5.89 12.39 8.27
N ARG B 123 -5.44 12.24 7.03
CA ARG B 123 -6.32 11.72 6.00
C ARG B 123 -6.76 10.28 6.33
N ASN B 124 -5.80 9.43 6.65
CA ASN B 124 -6.15 8.03 6.97
C ASN B 124 -6.96 7.98 8.25
N ARG B 125 -6.62 8.81 9.23
CA ARG B 125 -7.41 8.85 10.48
C ARG B 125 -8.85 9.26 10.22
N ALA B 126 -9.04 10.19 9.29
CA ALA B 126 -10.37 10.61 8.94
C ALA B 126 -11.18 9.48 8.33
N VAL B 127 -10.56 8.72 7.44
CA VAL B 127 -11.26 7.59 6.83
C VAL B 127 -11.58 6.49 7.86
N VAL B 128 -10.60 6.16 8.70
CA VAL B 128 -10.80 5.15 9.78
C VAL B 128 -11.92 5.58 10.73
N GLU B 129 -11.91 6.85 11.12
CA GLU B 129 -12.95 7.38 12.03
C GLU B 129 -14.32 7.41 11.34
N GLY B 130 -14.33 7.74 10.05
CA GLY B 130 -15.53 7.69 9.23
C GLY B 130 -16.14 6.30 9.23
N ILE B 131 -15.32 5.27 9.02
CA ILE B 131 -15.82 3.89 9.12
C ILE B 131 -16.31 3.57 10.53
N ARG B 132 -15.54 3.98 11.54
CA ARG B 132 -15.86 3.64 12.92
C ARG B 132 -17.28 4.09 13.28
N LYS B 133 -17.62 5.29 12.81
CA LYS B 133 -18.93 5.93 13.11
C LYS B 133 -20.08 5.20 12.43
N ARG B 134 -19.79 4.42 11.40
CA ARG B 134 -20.81 3.61 10.71
C ARG B 134 -20.92 2.19 11.24
N LEU B 135 -20.10 1.82 12.22
CA LEU B 135 -20.17 0.46 12.80
C LEU B 135 -21.42 0.29 13.65
N PRO B 136 -22.21 -0.76 13.41
CA PRO B 136 -23.37 -1.04 14.28
C PRO B 136 -22.91 -1.64 15.61
N PRO B 137 -23.81 -1.66 16.62
CA PRO B 137 -23.51 -2.35 17.87
C PRO B 137 -23.16 -3.79 17.54
N GLY B 138 -22.21 -4.37 18.26
CA GLY B 138 -21.85 -5.76 18.01
C GLY B 138 -20.73 -5.95 17.00
N ALA B 139 -20.30 -4.87 16.37
CA ALA B 139 -19.10 -4.94 15.58
C ALA B 139 -17.94 -5.30 16.51
N PRO B 140 -17.05 -6.20 16.05
CA PRO B 140 -15.85 -6.52 16.80
C PRO B 140 -15.03 -5.28 17.15
N ALA B 141 -14.29 -5.37 18.25
CA ALA B 141 -13.35 -4.30 18.66
C ALA B 141 -12.38 -4.00 17.51
N ALA B 142 -12.08 -2.71 17.32
CA ALA B 142 -11.15 -2.24 16.28
C ALA B 142 -11.53 -2.65 14.87
N ALA B 143 -12.81 -2.97 14.65
CA ALA B 143 -13.28 -3.39 13.32
C ALA B 143 -12.93 -2.33 12.25
N GLU B 144 -12.95 -1.04 12.64
CA GLU B 144 -12.66 0.05 11.68
C GLU B 144 -11.23 -0.05 11.11
N LEU B 145 -10.29 -0.54 11.93
CA LEU B 145 -8.91 -0.69 11.47
C LEU B 145 -8.79 -1.82 10.46
N LEU B 146 -9.46 -2.93 10.77
CA LEU B 146 -9.46 -4.09 9.88
CA LEU B 146 -9.47 -4.09 9.87
C LEU B 146 -10.09 -3.74 8.51
N LEU B 147 -11.20 -3.00 8.54
CA LEU B 147 -11.91 -2.66 7.29
C LEU B 147 -11.07 -1.73 6.45
N HIS B 148 -10.41 -0.76 7.07
CA HIS B 148 -9.54 0.15 6.33
C HIS B 148 -8.34 -0.61 5.76
N SER B 149 -7.78 -1.54 6.55
CA SER B 149 -6.70 -2.40 6.03
C SER B 149 -7.15 -3.22 4.82
N VAL B 150 -8.36 -3.76 4.87
CA VAL B 150 -8.80 -4.61 3.74
C VAL B 150 -8.90 -3.71 2.49
N ILE B 151 -9.51 -2.54 2.64
CA ILE B 151 -9.58 -1.61 1.48
C ILE B 151 -8.21 -1.29 0.96
N ALA B 152 -7.30 -0.89 1.85
CA ALA B 152 -5.95 -0.49 1.34
C ALA B 152 -5.19 -1.69 0.72
N GLY B 153 -5.27 -2.85 1.37
CA GLY B 153 -4.52 -4.02 0.94
C GLY B 153 -5.09 -4.57 -0.35
N ALA B 154 -6.43 -4.67 -0.45
CA ALA B 154 -6.99 -5.25 -1.65
C ALA B 154 -6.82 -4.28 -2.80
N THR B 155 -6.82 -2.99 -2.47
CA THR B 155 -6.55 -1.95 -3.51
C THR B 155 -5.15 -2.13 -4.07
N MET B 156 -4.15 -2.27 -3.20
CA MET B 156 -2.76 -2.58 -3.62
CA MET B 156 -2.81 -2.49 -3.72
C MET B 156 -2.65 -3.84 -4.47
N GLN B 157 -3.32 -4.91 -4.03
CA GLN B 157 -3.34 -6.16 -4.80
C GLN B 157 -3.74 -5.91 -6.24
N TRP B 158 -4.82 -5.16 -6.39
CA TRP B 158 -5.39 -4.88 -7.70
C TRP B 158 -4.49 -3.94 -8.49
N ALA B 159 -3.88 -2.97 -7.80
CA ALA B 159 -3.00 -2.03 -8.53
C ALA B 159 -1.83 -2.81 -9.15
N VAL B 160 -1.28 -3.74 -8.39
CA VAL B 160 -0.17 -4.54 -8.91
C VAL B 160 -0.65 -5.54 -9.99
N ASP B 161 -1.72 -6.26 -9.68
CA ASP B 161 -2.21 -7.43 -10.44
C ASP B 161 -3.72 -7.20 -10.73
N PRO B 162 -4.04 -6.25 -11.61
CA PRO B 162 -5.45 -5.96 -11.83
C PRO B 162 -6.21 -7.08 -12.59
N ASP B 163 -7.42 -7.33 -12.11
CA ASP B 163 -8.41 -8.19 -12.73
C ASP B 163 -9.70 -7.40 -12.56
N GLY B 164 -10.36 -7.06 -13.66
CA GLY B 164 -11.66 -6.36 -13.54
C GLY B 164 -11.52 -4.98 -12.94
N GLU B 165 -12.63 -4.49 -12.39
CA GLU B 165 -12.64 -3.16 -11.82
C GLU B 165 -12.13 -3.21 -10.38
N LEU B 166 -11.46 -2.16 -9.99
CA LEU B 166 -10.93 -2.05 -8.61
C LEU B 166 -12.03 -2.34 -7.61
N ALA B 167 -13.14 -1.61 -7.74
CA ALA B 167 -14.19 -1.72 -6.75
C ALA B 167 -14.69 -3.15 -6.56
N ASP B 168 -14.84 -3.90 -7.66
CA ASP B 168 -15.30 -5.27 -7.56
C ASP B 168 -14.32 -6.17 -6.82
N HIS B 169 -13.02 -5.98 -7.09
CA HIS B 169 -12.00 -6.74 -6.38
C HIS B 169 -12.01 -6.46 -4.88
N VAL B 170 -12.01 -5.19 -4.52
CA VAL B 170 -12.04 -4.74 -3.11
C VAL B 170 -13.32 -5.12 -2.41
N LEU B 171 -14.47 -4.83 -3.03
CA LEU B 171 -15.74 -5.04 -2.33
C LEU B 171 -16.08 -6.52 -2.15
N ALA B 172 -15.54 -7.39 -2.98
CA ALA B 172 -15.73 -8.82 -2.75
C ALA B 172 -15.10 -9.23 -1.43
N GLN B 173 -13.91 -8.70 -1.18
CA GLN B 173 -13.21 -8.93 0.10
C GLN B 173 -13.93 -8.27 1.27
N ILE B 174 -14.45 -7.07 1.06
CA ILE B 174 -15.22 -6.38 2.10
C ILE B 174 -16.46 -7.17 2.45
N ALA B 175 -17.17 -7.66 1.42
CA ALA B 175 -18.36 -8.50 1.67
C ALA B 175 -17.97 -9.71 2.49
N ALA B 176 -16.87 -10.36 2.11
CA ALA B 176 -16.36 -11.54 2.83
C ALA B 176 -16.06 -11.32 4.33
N ILE B 177 -15.43 -10.20 4.65
CA ILE B 177 -15.11 -9.89 6.04
C ILE B 177 -16.37 -9.47 6.79
N LEU B 178 -17.27 -8.72 6.15
CA LEU B 178 -18.54 -8.42 6.81
C LEU B 178 -19.33 -9.69 7.19
N CYS B 179 -19.34 -10.71 6.32
CA CYS B 179 -19.96 -11.99 6.68
C CYS B 179 -19.36 -12.62 7.93
N LEU B 180 -18.04 -12.51 8.07
CA LEU B 180 -17.34 -12.99 9.26
C LEU B 180 -17.61 -12.15 10.53
N MET B 181 -17.75 -10.84 10.35
CA MET B 181 -18.03 -9.96 11.47
C MET B 181 -19.46 -10.04 11.97
N PHE B 182 -20.40 -10.32 11.06
CA PHE B 182 -21.85 -10.34 11.36
C PHE B 182 -22.44 -11.66 10.83
N PRO B 183 -22.07 -12.81 11.44
CA PRO B 183 -22.41 -14.10 10.84
C PRO B 183 -23.91 -14.43 10.88
N GLU B 184 -24.66 -13.71 11.71
CA GLU B 184 -26.11 -13.89 11.78
C GLU B 184 -26.86 -12.96 10.82
N HIS B 185 -26.15 -12.14 10.06
CA HIS B 185 -26.77 -11.29 9.04
C HIS B 185 -26.97 -12.04 7.71
N ASP B 186 -27.99 -11.64 6.94
CA ASP B 186 -28.13 -12.12 5.57
C ASP B 186 -26.87 -11.74 4.75
N ASP B 187 -26.57 -12.51 3.71
CA ASP B 187 -25.44 -12.20 2.82
C ASP B 187 -25.42 -10.74 2.36
N PHE B 188 -24.21 -10.21 2.22
CA PHE B 188 -24.00 -8.82 1.81
C PHE B 188 -23.91 -8.77 0.29
N GLN B 189 -24.93 -8.20 -0.36
CA GLN B 189 -25.07 -8.31 -1.82
C GLN B 189 -24.11 -7.43 -2.58
N LEU B 190 -23.28 -8.06 -3.41
CA LEU B 190 -22.43 -7.32 -4.35
C LEU B 190 -22.79 -7.69 -5.80
#